data_7EAL
#
_entry.id   7EAL
#
_cell.length_a   80.753
_cell.length_b   59.990
_cell.length_c   84.058
_cell.angle_alpha   90.00
_cell.angle_beta   109.71
_cell.angle_gamma   90.00
#
_symmetry.space_group_name_H-M   'P 1 21 1'
#
loop_
_entity.id
_entity.type
_entity.pdbx_description
1 polymer ubiquitin
2 polymer 'TNFAIP3-interacting protein 1'
3 non-polymer GLYCEROL
4 water water
#
loop_
_entity_poly.entity_id
_entity_poly.type
_entity_poly.pdbx_seq_one_letter_code
_entity_poly.pdbx_strand_id
1 'polypeptide(L)'
;MQIFVKTLTGKTITLEVEPSDTIENVKAKIQDKEGIPPDQQRLIFAGKQLEDGRTLSDYNIQKESTLHLVLRLRGGMQIF
VKTLTGKTITLEVEPSDTIENVKAKIQDKEGIPPDQQRLIFAGKQLEDGRTLSDYNIQKESTLHLVLRLRGG
;
A,D
2 'polypeptide(L)'
;LTRQREYQEKEIQRLNKALEEALSIQTPPSSPPTAFGSPEGAGALLRKQELVTQNELLKQQVKIFEEDFQRERSDRERMN
EEKEELKKQVEKLQAQVTLSNTQLKAFKD
;
B,C,E,F
#
loop_
_chem_comp.id
_chem_comp.type
_chem_comp.name
_chem_comp.formula
GOL non-polymer GLYCEROL 'C3 H8 O3'
#
# COMPACT_ATOMS: atom_id res chain seq x y z
N MET A 1 3.67 36.02 -15.48
CA MET A 1 2.72 37.02 -15.00
C MET A 1 1.67 36.40 -14.08
N GLN A 2 1.02 37.25 -13.30
CA GLN A 2 0.03 36.80 -12.34
C GLN A 2 -1.37 36.94 -12.92
N ILE A 3 -2.23 35.98 -12.59
CA ILE A 3 -3.66 36.10 -12.82
C ILE A 3 -4.37 35.68 -11.55
N PHE A 4 -5.64 36.06 -11.45
CA PHE A 4 -6.47 35.81 -10.29
C PHE A 4 -7.71 35.03 -10.72
N VAL A 5 -8.01 33.95 -10.01
CA VAL A 5 -9.15 33.08 -10.32
C VAL A 5 -10.10 33.12 -9.13
N LYS A 6 -11.27 33.74 -9.30
CA LYS A 6 -12.22 33.86 -8.21
C LYS A 6 -13.43 32.98 -8.48
N THR A 7 -14.12 32.59 -7.42
CA THR A 7 -15.31 31.76 -7.51
C THR A 7 -16.53 32.52 -7.00
N LEU A 8 -17.69 31.87 -7.07
CA LEU A 8 -18.93 32.51 -6.63
C LEU A 8 -18.87 32.88 -5.16
N THR A 9 -18.27 32.01 -4.34
CA THR A 9 -18.10 32.28 -2.92
C THR A 9 -17.29 33.55 -2.68
N GLY A 10 -16.17 33.70 -3.36
CA GLY A 10 -15.24 34.78 -3.09
C GLY A 10 -13.82 34.27 -2.98
N LYS A 11 -13.64 32.96 -2.86
CA LYS A 11 -12.29 32.39 -2.78
C LYS A 11 -11.51 32.76 -4.04
N THR A 12 -10.31 33.31 -3.83
CA THR A 12 -9.50 33.84 -4.92
C THR A 12 -8.14 33.16 -4.91
N ILE A 13 -7.79 32.54 -6.02
CA ILE A 13 -6.49 31.89 -6.23
C ILE A 13 -5.63 32.85 -7.03
N THR A 14 -4.34 32.91 -6.72
CA THR A 14 -3.38 33.62 -7.56
C THR A 14 -2.50 32.60 -8.26
N LEU A 15 -2.28 32.80 -9.55
CA LEU A 15 -1.50 31.88 -10.36
C LEU A 15 -0.42 32.63 -11.11
N GLU A 16 0.74 32.01 -11.26
CA GLU A 16 1.74 32.51 -12.19
C GLU A 16 1.59 31.77 -13.51
N VAL A 17 1.39 32.53 -14.58
CA VAL A 17 1.07 31.99 -15.89
C VAL A 17 1.90 32.73 -16.93
N GLU A 18 1.77 32.27 -18.18
CA GLU A 18 2.32 32.96 -19.33
C GLU A 18 1.19 33.19 -20.32
N PRO A 19 1.28 34.24 -21.14
CA PRO A 19 0.20 34.46 -22.13
C PRO A 19 0.04 33.31 -23.11
N SER A 20 1.11 32.57 -23.40
CA SER A 20 1.00 31.43 -24.30
C SER A 20 0.47 30.19 -23.61
N ASP A 21 0.19 30.23 -22.31
CA ASP A 21 -0.36 29.07 -21.63
C ASP A 21 -1.81 28.86 -22.05
N THR A 22 -2.20 27.60 -22.17
CA THR A 22 -3.57 27.28 -22.56
C THR A 22 -4.48 27.21 -21.36
N ILE A 23 -5.78 27.16 -21.65
CA ILE A 23 -6.76 27.04 -20.60
C ILE A 23 -6.62 25.69 -19.90
N GLU A 24 -6.29 24.63 -20.66
CA GLU A 24 -5.91 23.37 -20.03
C GLU A 24 -4.76 23.55 -19.04
N ASN A 25 -3.73 24.32 -19.40
CA ASN A 25 -2.61 24.54 -18.49
C ASN A 25 -3.05 25.25 -17.21
N VAL A 26 -3.86 26.29 -17.35
CA VAL A 26 -4.38 27.00 -16.18
C VAL A 26 -5.19 26.05 -15.30
N LYS A 27 -5.97 25.17 -15.91
CA LYS A 27 -6.76 24.23 -15.13
C LYS A 27 -5.87 23.23 -14.43
N ALA A 28 -4.76 22.84 -15.06
CA ALA A 28 -3.82 21.94 -14.41
C ALA A 28 -3.14 22.61 -13.22
N LYS A 29 -2.82 23.90 -13.35
CA LYS A 29 -2.25 24.62 -12.21
C LYS A 29 -3.27 24.73 -11.08
N ILE A 30 -4.54 24.96 -11.43
CA ILE A 30 -5.59 25.02 -10.42
C ILE A 30 -5.75 23.66 -9.74
N GLN A 31 -5.62 22.58 -10.50
CA GLN A 31 -5.61 21.25 -9.89
C GLN A 31 -4.42 21.08 -8.95
N ASP A 32 -3.26 21.58 -9.34
CA ASP A 32 -2.08 21.50 -8.47
C ASP A 32 -2.28 22.27 -7.18
N LYS A 33 -3.01 23.37 -7.21
CA LYS A 33 -3.16 24.15 -5.98
C LYS A 33 -4.38 23.72 -5.15
N GLU A 34 -5.50 23.36 -5.79
CA GLU A 34 -6.75 23.09 -5.10
C GLU A 34 -7.25 21.65 -5.20
N GLY A 35 -6.57 20.79 -5.95
CA GLY A 35 -7.03 19.41 -6.02
C GLY A 35 -8.29 19.18 -6.82
N ILE A 36 -8.68 20.11 -7.69
CA ILE A 36 -9.90 19.97 -8.48
C ILE A 36 -9.53 19.51 -9.88
N PRO A 37 -10.01 18.36 -10.34
CA PRO A 37 -9.70 17.90 -11.71
C PRO A 37 -10.15 18.90 -12.75
N PRO A 38 -9.40 19.05 -13.84
CA PRO A 38 -9.76 20.06 -14.85
C PRO A 38 -11.08 19.78 -15.56
N ASP A 39 -11.50 18.53 -15.68
CA ASP A 39 -12.81 18.31 -16.27
C ASP A 39 -13.96 18.57 -15.29
N GLN A 40 -13.67 19.09 -14.10
CA GLN A 40 -14.70 19.58 -13.19
C GLN A 40 -14.65 21.10 -13.05
N GLN A 41 -13.89 21.78 -13.90
CA GLN A 41 -13.74 23.23 -13.80
C GLN A 41 -14.25 23.89 -15.07
N ARG A 42 -15.03 24.94 -14.91
CA ARG A 42 -15.33 25.84 -16.01
C ARG A 42 -14.68 27.18 -15.69
N LEU A 43 -13.93 27.71 -16.65
CA LEU A 43 -13.33 29.01 -16.55
C LEU A 43 -14.11 30.00 -17.41
N ILE A 44 -14.30 31.21 -16.91
CA ILE A 44 -15.06 32.24 -17.58
C ILE A 44 -14.25 33.52 -17.57
N PHE A 45 -14.20 34.20 -18.72
CA PHE A 45 -13.62 35.52 -18.82
C PHE A 45 -14.56 36.37 -19.66
N ALA A 46 -14.81 37.59 -19.20
CA ALA A 46 -15.67 38.53 -19.92
C ALA A 46 -17.04 37.92 -20.21
N GLY A 47 -17.48 37.03 -19.33
CA GLY A 47 -18.78 36.43 -19.45
C GLY A 47 -18.89 35.26 -20.39
N LYS A 48 -17.79 34.59 -20.72
CA LYS A 48 -17.98 33.41 -21.54
C LYS A 48 -17.01 32.31 -21.14
N GLN A 49 -17.41 31.09 -21.44
CA GLN A 49 -16.60 29.94 -21.10
C GLN A 49 -15.34 29.92 -21.96
N LEU A 50 -14.22 29.57 -21.34
CA LEU A 50 -12.97 29.45 -22.05
C LEU A 50 -12.78 28.00 -22.49
N GLU A 51 -12.33 27.83 -23.73
CA GLU A 51 -12.11 26.51 -24.28
C GLU A 51 -10.67 26.05 -24.04
N ASP A 52 -10.52 24.77 -23.67
CA ASP A 52 -9.26 24.28 -23.11
C ASP A 52 -8.09 24.40 -24.08
N GLY A 53 -8.32 24.21 -25.38
CA GLY A 53 -7.24 24.29 -26.35
C GLY A 53 -6.76 25.67 -26.74
N ARG A 54 -7.37 26.74 -26.23
CA ARG A 54 -6.93 28.09 -26.56
C ARG A 54 -5.98 28.60 -25.48
N THR A 55 -5.27 29.67 -25.81
CA THR A 55 -4.29 30.25 -24.90
C THR A 55 -4.86 31.48 -24.21
N LEU A 56 -4.18 31.89 -23.15
CA LEU A 56 -4.53 33.13 -22.45
C LEU A 56 -4.50 34.33 -23.39
N SER A 57 -3.48 34.42 -24.23
CA SER A 57 -3.40 35.52 -25.20
C SER A 57 -4.48 35.43 -26.25
N ASP A 58 -5.01 34.23 -26.53
CA ASP A 58 -6.12 34.08 -27.48
C ASP A 58 -7.34 34.86 -27.03
N TYR A 59 -7.57 34.96 -25.72
CA TYR A 59 -8.77 35.56 -25.15
C TYR A 59 -8.54 36.96 -24.59
N ASN A 60 -7.42 37.61 -24.94
CA ASN A 60 -7.18 39.00 -24.52
C ASN A 60 -6.94 39.10 -23.02
N ILE A 61 -6.43 38.05 -22.41
CA ILE A 61 -6.19 38.02 -20.98
C ILE A 61 -4.77 38.55 -20.73
N GLN A 62 -4.69 39.79 -20.26
CA GLN A 62 -3.40 40.40 -19.95
C GLN A 62 -3.10 40.22 -18.47
N LYS A 63 -2.02 40.85 -18.00
CA LYS A 63 -1.52 40.54 -16.66
C LYS A 63 -2.42 41.09 -15.58
N GLU A 64 -2.55 40.34 -14.49
CA GLU A 64 -3.41 40.61 -13.33
C GLU A 64 -4.89 40.63 -13.68
N SER A 65 -5.26 40.13 -14.87
CA SER A 65 -6.67 39.88 -15.15
C SER A 65 -7.23 38.86 -14.16
N THR A 66 -8.56 38.81 -14.08
CA THR A 66 -9.25 37.90 -13.17
C THR A 66 -10.27 37.07 -13.95
N LEU A 67 -10.15 35.75 -13.83
CA LEU A 67 -11.10 34.80 -14.38
C LEU A 67 -12.05 34.34 -13.28
N HIS A 68 -13.16 33.75 -13.71
CA HIS A 68 -14.13 33.19 -12.79
C HIS A 68 -14.16 31.69 -12.97
N LEU A 69 -14.29 30.98 -11.87
CA LEU A 69 -14.27 29.53 -11.85
C LEU A 69 -15.59 29.02 -11.31
N VAL A 70 -16.21 28.10 -12.04
CA VAL A 70 -17.40 27.41 -11.56
C VAL A 70 -17.11 25.92 -11.56
N LEU A 71 -17.36 25.28 -10.43
CA LEU A 71 -17.10 23.86 -10.31
C LEU A 71 -18.27 23.08 -10.84
N ARG A 72 -17.98 22.02 -11.59
CA ARG A 72 -18.99 21.05 -12.00
C ARG A 72 -19.39 20.14 -10.84
N LEU A 73 -20.56 19.52 -10.98
CA LEU A 73 -20.96 18.47 -10.07
C LEU A 73 -20.26 17.16 -10.37
N ARG A 74 -19.78 16.95 -11.60
CA ARG A 74 -19.16 15.69 -11.93
C ARG A 74 -18.29 15.85 -13.17
N GLY A 75 -17.32 14.97 -13.30
CA GLY A 75 -16.48 14.91 -14.48
C GLY A 75 -16.98 13.86 -15.45
N GLY A 76 -16.05 13.32 -16.24
CA GLY A 76 -16.33 12.44 -17.36
C GLY A 76 -16.33 10.96 -17.08
N MET A 77 -15.90 10.52 -15.88
CA MET A 77 -15.75 9.10 -15.60
C MET A 77 -15.89 8.83 -14.10
N GLN A 78 -16.75 7.88 -13.76
CA GLN A 78 -16.91 7.42 -12.40
C GLN A 78 -16.64 5.92 -12.32
N ILE A 79 -16.11 5.50 -11.19
CA ILE A 79 -16.03 4.08 -10.87
C ILE A 79 -16.73 3.84 -9.53
N PHE A 80 -17.01 2.58 -9.27
CA PHE A 80 -17.66 2.17 -8.03
C PHE A 80 -16.65 1.45 -7.14
N VAL A 81 -16.73 1.69 -5.84
CA VAL A 81 -15.89 0.99 -4.86
C VAL A 81 -16.79 0.38 -3.81
N LYS A 82 -16.71 -0.95 -3.66
CA LYS A 82 -17.55 -1.70 -2.74
C LYS A 82 -16.73 -2.08 -1.51
N THR A 83 -17.33 -1.93 -0.34
CA THR A 83 -16.65 -2.15 0.92
C THR A 83 -17.02 -3.52 1.49
N LEU A 84 -16.28 -3.94 2.52
CA LEU A 84 -16.58 -5.22 3.14
C LEU A 84 -17.95 -5.23 3.79
N THR A 85 -18.44 -4.08 4.24
CA THR A 85 -19.77 -4.01 4.82
C THR A 85 -20.88 -3.87 3.79
N GLY A 86 -20.56 -3.97 2.50
CA GLY A 86 -21.57 -3.88 1.46
C GLY A 86 -21.91 -2.49 0.97
N LYS A 87 -21.15 -1.47 1.37
CA LYS A 87 -21.44 -0.12 0.94
C LYS A 87 -20.82 0.14 -0.42
N THR A 88 -21.52 0.93 -1.21
CA THR A 88 -21.10 1.29 -2.56
C THR A 88 -20.82 2.79 -2.58
N ILE A 89 -19.61 3.16 -2.98
CA ILE A 89 -19.34 4.59 -3.16
C ILE A 89 -18.97 4.83 -4.61
N THR A 90 -19.19 6.05 -5.06
CA THR A 90 -18.94 6.46 -6.43
C THR A 90 -17.82 7.48 -6.44
N LEU A 91 -16.83 7.28 -7.34
CA LEU A 91 -15.65 8.13 -7.43
C LEU A 91 -15.55 8.78 -8.80
N GLU A 92 -15.20 10.07 -8.80
CA GLU A 92 -14.78 10.79 -9.99
C GLU A 92 -13.31 10.50 -10.25
N VAL A 93 -12.99 9.90 -11.40
CA VAL A 93 -11.62 9.56 -11.71
C VAL A 93 -11.33 9.91 -13.16
N GLU A 94 -10.05 9.81 -13.50
CA GLU A 94 -9.48 9.93 -14.81
C GLU A 94 -8.74 8.63 -15.12
N PRO A 95 -8.70 8.23 -16.39
CA PRO A 95 -7.95 7.00 -16.75
C PRO A 95 -6.49 7.03 -16.38
N SER A 96 -5.90 8.21 -16.24
CA SER A 96 -4.49 8.33 -15.89
C SER A 96 -4.27 8.45 -14.40
N ASP A 97 -5.33 8.44 -13.60
CA ASP A 97 -5.16 8.52 -12.15
C ASP A 97 -4.37 7.32 -11.67
N THR A 98 -3.39 7.59 -10.81
CA THR A 98 -2.70 6.49 -10.14
C THR A 98 -3.60 5.89 -9.07
N ILE A 99 -3.27 4.66 -8.69
CA ILE A 99 -3.98 4.02 -7.59
C ILE A 99 -3.85 4.84 -6.31
N GLU A 100 -2.68 5.48 -6.11
CA GLU A 100 -2.50 6.35 -4.94
C GLU A 100 -3.50 7.50 -4.94
N ASN A 101 -3.75 8.10 -6.11
CA ASN A 101 -4.71 9.19 -6.12
C ASN A 101 -6.15 8.70 -5.97
N VAL A 102 -6.43 7.46 -6.39
CA VAL A 102 -7.74 6.87 -6.13
C VAL A 102 -7.94 6.70 -4.64
N LYS A 103 -6.94 6.15 -3.94
CA LYS A 103 -6.99 6.05 -2.49
C LYS A 103 -7.15 7.42 -1.85
N ALA A 104 -6.50 8.45 -2.39
CA ALA A 104 -6.69 9.77 -1.79
C ALA A 104 -8.11 10.28 -2.00
N LYS A 105 -8.72 9.97 -3.16
CA LYS A 105 -10.11 10.36 -3.36
C LYS A 105 -11.01 9.61 -2.39
N ILE A 106 -10.71 8.32 -2.16
CA ILE A 106 -11.47 7.55 -1.18
C ILE A 106 -11.33 8.18 0.20
N GLN A 107 -10.13 8.65 0.54
CA GLN A 107 -9.95 9.32 1.82
C GLN A 107 -10.83 10.57 1.91
N ASP A 108 -10.81 11.41 0.87
CA ASP A 108 -11.70 12.56 0.80
C ASP A 108 -13.16 12.17 1.04
N LYS A 109 -13.60 11.09 0.40
CA LYS A 109 -15.03 10.75 0.42
C LYS A 109 -15.44 10.03 1.70
N GLU A 110 -14.57 9.20 2.25
CA GLU A 110 -14.92 8.32 3.35
C GLU A 110 -14.04 8.48 4.59
N GLY A 111 -12.94 9.21 4.51
CA GLY A 111 -12.11 9.44 5.67
C GLY A 111 -11.14 8.34 6.02
N ILE A 112 -10.94 7.34 5.16
CA ILE A 112 -10.02 6.25 5.42
C ILE A 112 -8.62 6.68 4.94
N PRO A 113 -7.61 6.69 5.80
CA PRO A 113 -6.25 7.00 5.33
C PRO A 113 -5.78 6.02 4.28
N PRO A 114 -5.08 6.51 3.26
CA PRO A 114 -4.67 5.63 2.15
C PRO A 114 -3.79 4.48 2.58
N ASP A 115 -2.88 4.70 3.54
CA ASP A 115 -1.99 3.63 3.97
C ASP A 115 -2.75 2.45 4.56
N GLN A 116 -4.05 2.58 4.83
CA GLN A 116 -4.86 1.48 5.32
C GLN A 116 -5.66 0.82 4.23
N GLN A 117 -5.61 1.38 3.02
CA GLN A 117 -6.50 0.97 1.94
C GLN A 117 -5.82 -0.07 1.05
N ARG A 118 -6.55 -1.13 0.75
CA ARG A 118 -6.14 -2.15 -0.20
C ARG A 118 -7.25 -2.25 -1.22
N LEU A 119 -6.96 -1.92 -2.46
CA LEU A 119 -7.95 -2.00 -3.53
C LEU A 119 -7.68 -3.24 -4.37
N ILE A 120 -8.75 -3.94 -4.74
CA ILE A 120 -8.65 -5.17 -5.50
C ILE A 120 -9.57 -5.07 -6.70
N PHE A 121 -9.08 -5.47 -7.87
CA PHE A 121 -9.87 -5.50 -9.09
C PHE A 121 -9.55 -6.77 -9.82
N ALA A 122 -10.58 -7.47 -10.30
CA ALA A 122 -10.40 -8.71 -11.04
C ALA A 122 -9.48 -9.65 -10.27
N GLY A 123 -9.63 -9.67 -8.94
CA GLY A 123 -8.85 -10.55 -8.11
C GLY A 123 -7.41 -10.15 -7.91
N LYS A 124 -7.02 -8.93 -8.24
CA LYS A 124 -5.63 -8.54 -8.13
C LYS A 124 -5.50 -7.30 -7.26
N GLN A 125 -4.48 -7.30 -6.41
CA GLN A 125 -4.17 -6.13 -5.59
C GLN A 125 -3.50 -5.09 -6.46
N LEU A 126 -3.96 -3.85 -6.35
CA LEU A 126 -3.52 -2.76 -7.21
C LEU A 126 -2.34 -2.05 -6.59
N GLU A 127 -1.29 -1.85 -7.38
CA GLU A 127 -0.07 -1.21 -6.90
C GLU A 127 -0.19 0.30 -7.01
N ASP A 128 0.36 1.01 -6.02
CA ASP A 128 0.07 2.43 -5.85
C ASP A 128 0.47 3.25 -7.07
N GLY A 129 1.57 2.90 -7.72
CA GLY A 129 2.12 3.75 -8.75
C GLY A 129 1.51 3.58 -10.10
N ARG A 130 0.59 2.64 -10.26
CA ARG A 130 0.08 2.34 -11.59
C ARG A 130 -1.24 3.01 -11.74
N THR A 131 -1.65 3.18 -13.00
CA THR A 131 -2.86 3.92 -13.28
C THR A 131 -4.01 2.97 -13.49
N LEU A 132 -5.22 3.54 -13.43
CA LEU A 132 -6.42 2.81 -13.81
C LEU A 132 -6.30 2.22 -15.20
N SER A 133 -5.69 2.97 -16.11
CA SER A 133 -5.51 2.48 -17.46
C SER A 133 -4.57 1.28 -17.49
N ASP A 134 -3.51 1.30 -16.67
CA ASP A 134 -2.59 0.17 -16.62
C ASP A 134 -3.32 -1.12 -16.31
N TYR A 135 -4.32 -1.08 -15.43
CA TYR A 135 -5.07 -2.27 -15.06
C TYR A 135 -6.29 -2.49 -15.92
N ASN A 136 -6.51 -1.64 -16.92
CA ASN A 136 -7.70 -1.70 -17.78
C ASN A 136 -9.00 -1.54 -16.98
N ILE A 137 -8.98 -0.61 -16.04
CA ILE A 137 -10.18 -0.26 -15.27
C ILE A 137 -10.97 0.75 -16.09
N GLN A 138 -12.23 0.41 -16.38
CA GLN A 138 -13.08 1.23 -17.21
C GLN A 138 -14.18 1.88 -16.39
N LYS A 139 -14.90 2.78 -17.04
CA LYS A 139 -16.03 3.45 -16.43
C LYS A 139 -16.99 2.44 -15.83
N GLU A 140 -17.41 2.69 -14.59
CA GLU A 140 -18.38 1.84 -13.88
C GLU A 140 -17.84 0.47 -13.51
N SER A 141 -16.55 0.20 -13.71
CA SER A 141 -15.94 -0.95 -13.06
C SER A 141 -16.11 -0.84 -11.55
N THR A 142 -16.00 -1.97 -10.87
CA THR A 142 -16.11 -2.02 -9.42
C THR A 142 -14.79 -2.49 -8.83
N LEU A 143 -14.19 -1.65 -7.99
CA LEU A 143 -13.10 -2.02 -7.12
C LEU A 143 -13.65 -2.49 -5.78
N HIS A 144 -12.89 -3.35 -5.11
CA HIS A 144 -13.20 -3.84 -3.77
C HIS A 144 -12.18 -3.29 -2.78
N LEU A 145 -12.66 -2.61 -1.76
CA LEU A 145 -11.82 -2.01 -0.73
C LEU A 145 -11.76 -2.92 0.50
N VAL A 146 -10.54 -3.24 0.94
CA VAL A 146 -10.28 -3.91 2.20
C VAL A 146 -9.33 -3.06 3.01
N LEU A 147 -9.55 -2.98 4.32
CA LEU A 147 -8.57 -2.34 5.18
C LEU A 147 -7.48 -3.34 5.55
N ARG A 148 -6.28 -2.86 5.73
CA ARG A 148 -5.16 -3.72 6.08
C ARG A 148 -4.18 -2.96 6.96
N LEU A 149 -3.50 -3.69 7.83
CA LEU A 149 -2.37 -3.16 8.59
C LEU A 149 -1.13 -3.36 7.72
N ARG A 150 -0.65 -2.28 7.10
CA ARG A 150 0.49 -2.34 6.19
C ARG A 150 1.77 -2.75 6.90
N GLY A 151 1.75 -3.87 7.62
CA GLY A 151 2.91 -4.37 8.33
C GLY A 151 2.62 -5.63 9.13
N GLY A 152 1.36 -6.03 9.17
CA GLY A 152 0.97 -7.25 9.85
C GLY A 152 1.34 -7.25 11.33
N LYS B 48 -21.36 46.12 -4.67
CA LYS B 48 -22.71 46.50 -4.26
C LYS B 48 -23.63 46.72 -5.47
N GLN B 49 -23.05 46.68 -6.67
CA GLN B 49 -23.86 46.40 -7.86
C GLN B 49 -23.06 45.61 -8.89
N GLU B 50 -22.08 44.83 -8.45
CA GLU B 50 -21.57 43.70 -9.23
C GLU B 50 -22.62 42.59 -9.37
N LEU B 51 -23.86 42.90 -8.97
CA LEU B 51 -25.00 42.01 -9.18
C LEU B 51 -24.97 41.42 -10.58
N VAL B 52 -24.75 42.28 -11.58
CA VAL B 52 -24.65 41.86 -12.98
C VAL B 52 -23.73 40.65 -13.12
N THR B 53 -22.51 40.76 -12.62
CA THR B 53 -21.55 39.67 -12.74
C THR B 53 -22.06 38.40 -12.08
N GLN B 54 -22.67 38.51 -10.88
CA GLN B 54 -23.22 37.33 -10.23
C GLN B 54 -24.35 36.74 -11.08
N ASN B 55 -25.16 37.60 -11.70
CA ASN B 55 -26.14 37.12 -12.68
C ASN B 55 -25.43 36.36 -13.80
N GLU B 56 -24.31 36.90 -14.29
CA GLU B 56 -23.44 36.17 -15.21
C GLU B 56 -23.13 34.78 -14.68
N LEU B 57 -22.65 34.70 -13.44
CA LEU B 57 -22.06 33.46 -12.95
C LEU B 57 -23.13 32.43 -12.62
N LEU B 58 -24.20 32.87 -11.94
CA LEU B 58 -25.29 31.97 -11.58
C LEU B 58 -25.90 31.32 -12.82
N LYS B 59 -26.17 32.14 -13.85
CA LYS B 59 -26.64 31.59 -15.11
C LYS B 59 -25.68 30.52 -15.63
N GLN B 60 -24.38 30.72 -15.42
CA GLN B 60 -23.40 29.71 -15.81
C GLN B 60 -23.54 28.45 -14.96
N GLN B 61 -23.62 28.62 -13.64
CA GLN B 61 -23.74 27.48 -12.74
C GLN B 61 -24.97 26.65 -13.08
N VAL B 62 -26.12 27.33 -13.26
CA VAL B 62 -27.35 26.65 -13.66
C VAL B 62 -27.08 25.79 -14.88
N LYS B 63 -26.50 26.41 -15.92
CA LYS B 63 -26.27 25.68 -17.16
C LYS B 63 -25.37 24.47 -16.92
N ILE B 64 -24.36 24.63 -16.07
CA ILE B 64 -23.46 23.52 -15.77
C ILE B 64 -24.21 22.43 -15.02
N PHE B 65 -25.00 22.82 -14.01
CA PHE B 65 -25.62 21.82 -13.15
C PHE B 65 -26.65 21.01 -13.93
N GLU B 66 -27.47 21.68 -14.72
CA GLU B 66 -28.39 20.98 -15.62
C GLU B 66 -27.65 19.95 -16.46
N GLU B 67 -26.54 20.36 -17.08
CA GLU B 67 -25.75 19.42 -17.88
C GLU B 67 -25.35 18.22 -17.04
N ASP B 68 -24.81 18.49 -15.84
CA ASP B 68 -24.37 17.38 -15.00
C ASP B 68 -25.56 16.49 -14.64
N PHE B 69 -26.69 17.09 -14.25
CA PHE B 69 -27.89 16.31 -14.01
C PHE B 69 -28.21 15.43 -15.22
N GLN B 70 -28.24 16.03 -16.42
CA GLN B 70 -28.56 15.24 -17.61
C GLN B 70 -27.52 14.15 -17.84
N ARG B 71 -26.23 14.47 -17.66
CA ARG B 71 -25.23 13.42 -17.86
C ARG B 71 -25.47 12.29 -16.88
N GLU B 72 -25.75 12.63 -15.62
CA GLU B 72 -25.97 11.61 -14.61
C GLU B 72 -27.21 10.81 -14.99
N ARG B 73 -28.26 11.51 -15.40
CA ARG B 73 -29.49 10.81 -15.75
C ARG B 73 -29.22 9.86 -16.91
N SER B 74 -28.40 10.32 -17.87
CA SER B 74 -28.07 9.47 -19.01
C SER B 74 -27.47 8.18 -18.52
N ASP B 75 -26.46 8.27 -17.64
CA ASP B 75 -25.84 7.05 -17.14
C ASP B 75 -26.86 6.20 -16.39
N ARG B 76 -27.70 6.85 -15.58
CA ARG B 76 -28.66 6.12 -14.76
C ARG B 76 -29.63 5.36 -15.64
N GLU B 77 -30.03 5.94 -16.77
CA GLU B 77 -30.99 5.23 -17.61
C GLU B 77 -30.30 4.08 -18.35
N ARG B 78 -29.04 4.27 -18.76
CA ARG B 78 -28.36 3.22 -19.50
C ARG B 78 -28.16 1.99 -18.62
N MET B 79 -27.62 2.21 -17.41
CA MET B 79 -27.49 1.14 -16.43
C MET B 79 -28.82 0.47 -16.20
N ASN B 80 -29.90 1.25 -16.17
CA ASN B 80 -31.21 0.64 -15.95
C ASN B 80 -31.54 -0.36 -17.07
N GLU B 81 -31.26 0.03 -18.32
CA GLU B 81 -31.43 -0.88 -19.45
C GLU B 81 -30.53 -2.09 -19.29
N GLU B 82 -29.26 -1.85 -18.94
CA GLU B 82 -28.34 -2.97 -18.74
C GLU B 82 -28.89 -3.90 -17.67
N LYS B 83 -29.59 -3.34 -16.68
CA LYS B 83 -30.17 -4.17 -15.64
C LYS B 83 -31.32 -4.98 -16.19
N GLU B 84 -32.21 -4.33 -16.95
CA GLU B 84 -33.38 -5.03 -17.48
C GLU B 84 -32.95 -6.26 -18.29
N GLU B 85 -31.95 -6.07 -19.18
CA GLU B 85 -31.38 -7.18 -19.93
C GLU B 85 -31.05 -8.35 -19.02
N LEU B 86 -30.28 -8.09 -17.95
CA LEU B 86 -29.89 -9.17 -17.06
C LEU B 86 -31.11 -9.91 -16.57
N LYS B 87 -32.12 -9.16 -16.11
CA LYS B 87 -33.34 -9.81 -15.63
C LYS B 87 -33.94 -10.68 -16.72
N LYS B 88 -34.06 -10.14 -17.94
CA LYS B 88 -34.49 -10.94 -19.07
C LYS B 88 -33.73 -12.27 -19.10
N GLN B 89 -32.39 -12.18 -19.17
CA GLN B 89 -31.58 -13.38 -19.28
C GLN B 89 -31.93 -14.35 -18.15
N VAL B 90 -31.98 -13.84 -16.90
CA VAL B 90 -32.32 -14.70 -15.77
C VAL B 90 -33.63 -15.40 -16.04
N GLU B 91 -34.66 -14.60 -16.35
CA GLU B 91 -35.98 -15.16 -16.65
C GLU B 91 -35.85 -16.27 -17.67
N LYS B 92 -35.22 -15.97 -18.81
CA LYS B 92 -35.09 -16.96 -19.86
C LYS B 92 -34.46 -18.23 -19.33
N LEU B 93 -33.33 -18.08 -18.64
CA LEU B 93 -32.63 -19.26 -18.14
C LEU B 93 -33.52 -20.07 -17.21
N GLN B 94 -34.23 -19.39 -16.29
CA GLN B 94 -35.11 -20.11 -15.38
C GLN B 94 -36.11 -20.92 -16.18
N ALA B 95 -36.70 -20.29 -17.19
CA ALA B 95 -37.60 -20.99 -18.08
C ALA B 95 -37.00 -22.32 -18.51
N GLN B 96 -35.79 -22.28 -19.08
CA GLN B 96 -35.20 -23.50 -19.61
C GLN B 96 -34.96 -24.51 -18.49
N VAL B 97 -34.43 -24.07 -17.36
CA VAL B 97 -34.13 -25.08 -16.37
C VAL B 97 -35.41 -25.63 -15.77
N THR B 98 -36.53 -24.90 -15.83
CA THR B 98 -37.74 -25.57 -15.37
C THR B 98 -38.41 -26.34 -16.49
N LEU B 99 -38.14 -26.01 -17.75
CA LEU B 99 -38.69 -26.83 -18.82
C LEU B 99 -37.98 -28.18 -18.84
N SER B 100 -36.64 -28.14 -18.97
CA SER B 100 -35.83 -29.35 -18.93
C SER B 100 -36.21 -30.24 -17.75
N ASN B 101 -36.16 -29.67 -16.55
CA ASN B 101 -36.49 -30.42 -15.34
C ASN B 101 -37.85 -31.08 -15.45
N THR B 102 -38.85 -30.33 -15.94
CA THR B 102 -40.17 -30.90 -16.08
C THR B 102 -40.12 -32.12 -16.98
N GLN B 103 -39.45 -31.99 -18.13
CA GLN B 103 -39.26 -33.15 -19.00
C GLN B 103 -38.56 -34.27 -18.26
N LEU B 104 -37.53 -33.93 -17.48
CA LEU B 104 -36.83 -34.94 -16.70
C LEU B 104 -37.80 -35.71 -15.83
N LYS B 105 -38.73 -35.01 -15.18
CA LYS B 105 -39.61 -35.72 -14.27
C LYS B 105 -40.57 -36.64 -15.00
N ALA B 106 -40.79 -36.40 -16.30
CA ALA B 106 -41.60 -37.33 -17.08
C ALA B 106 -40.90 -38.66 -17.27
N PHE B 107 -39.57 -38.68 -17.26
CA PHE B 107 -38.79 -39.90 -17.47
C PHE B 107 -38.57 -40.71 -16.20
N LYS B 108 -39.04 -40.24 -15.06
CA LYS B 108 -38.64 -40.80 -13.77
C LYS B 108 -39.71 -41.77 -13.25
N ASP B 109 -39.28 -42.99 -12.94
CA ASP B 109 -40.13 -43.98 -12.27
C ASP B 109 -39.29 -45.15 -11.71
N GLN C 49 -32.89 47.02 -10.19
CA GLN C 49 -32.61 46.37 -8.91
C GLN C 49 -33.22 44.97 -8.88
N GLU C 50 -34.19 44.75 -9.77
CA GLU C 50 -34.96 43.51 -9.81
C GLU C 50 -34.12 42.30 -10.18
N LEU C 51 -32.83 42.51 -10.48
CA LEU C 51 -31.98 41.36 -10.77
C LEU C 51 -31.65 40.55 -9.52
N VAL C 52 -31.96 41.04 -8.31
CA VAL C 52 -31.83 40.19 -7.13
C VAL C 52 -32.89 39.09 -7.15
N THR C 53 -34.11 39.42 -7.60
CA THR C 53 -35.15 38.40 -7.80
C THR C 53 -34.67 37.32 -8.77
N GLN C 54 -34.08 37.73 -9.90
CA GLN C 54 -33.58 36.77 -10.88
C GLN C 54 -32.42 35.96 -10.32
N ASN C 55 -31.53 36.61 -9.55
CA ASN C 55 -30.43 35.90 -8.94
C ASN C 55 -30.93 34.82 -7.98
N GLU C 56 -31.93 35.15 -7.16
CA GLU C 56 -32.46 34.17 -6.21
C GLU C 56 -33.19 33.04 -6.93
N LEU C 57 -33.93 33.38 -8.00
CA LEU C 57 -34.52 32.33 -8.83
C LEU C 57 -33.46 31.38 -9.37
N LEU C 58 -32.34 31.93 -9.84
CA LEU C 58 -31.27 31.10 -10.37
C LEU C 58 -30.63 30.25 -9.27
N LYS C 59 -30.47 30.80 -8.07
CA LYS C 59 -29.94 30.00 -6.96
C LYS C 59 -30.88 28.85 -6.64
N GLN C 60 -32.18 29.06 -6.77
CA GLN C 60 -33.10 27.96 -6.55
C GLN C 60 -32.93 26.90 -7.64
N GLN C 61 -32.82 27.34 -8.90
CA GLN C 61 -32.54 26.39 -9.98
C GLN C 61 -31.29 25.57 -9.66
N VAL C 62 -30.26 26.23 -9.13
CA VAL C 62 -29.01 25.54 -8.82
C VAL C 62 -29.26 24.45 -7.79
N LYS C 63 -29.90 24.80 -6.67
CA LYS C 63 -30.07 23.79 -5.63
C LYS C 63 -30.97 22.66 -6.09
N ILE C 64 -31.99 22.97 -6.91
CA ILE C 64 -32.89 21.93 -7.40
C ILE C 64 -32.15 20.96 -8.32
N PHE C 65 -31.36 21.48 -9.27
CA PHE C 65 -30.58 20.57 -10.11
C PHE C 65 -29.60 19.75 -9.29
N GLU C 66 -28.98 20.35 -8.28
CA GLU C 66 -28.04 19.59 -7.46
C GLU C 66 -28.73 18.42 -6.78
N GLU C 67 -29.91 18.66 -6.21
CA GLU C 67 -30.66 17.59 -5.58
C GLU C 67 -31.02 16.50 -6.60
N ASP C 68 -31.43 16.91 -7.81
CA ASP C 68 -31.81 15.92 -8.82
C ASP C 68 -30.61 15.09 -9.26
N PHE C 69 -29.48 15.73 -9.54
CA PHE C 69 -28.23 15.02 -9.81
C PHE C 69 -27.97 13.98 -8.72
N GLN C 70 -28.18 14.35 -7.46
CA GLN C 70 -27.93 13.37 -6.38
C GLN C 70 -28.92 12.20 -6.41
N ARG C 71 -30.22 12.47 -6.62
CA ARG C 71 -31.19 11.39 -6.84
C ARG C 71 -30.68 10.39 -7.90
N GLU C 72 -30.18 10.93 -9.03
CA GLU C 72 -29.76 10.08 -10.15
C GLU C 72 -28.53 9.26 -9.77
N ARG C 73 -27.57 9.89 -9.09
CA ARG C 73 -26.40 9.13 -8.62
C ARG C 73 -26.80 8.02 -7.65
N SER C 74 -27.73 8.31 -6.72
CA SER C 74 -28.21 7.29 -5.79
C SER C 74 -28.77 6.09 -6.55
N ASP C 75 -29.64 6.36 -7.53
CA ASP C 75 -30.23 5.28 -8.31
C ASP C 75 -29.14 4.49 -9.05
N ARG C 76 -28.14 5.19 -9.59
CA ARG C 76 -27.04 4.54 -10.29
C ARG C 76 -26.34 3.51 -9.38
N GLU C 77 -26.06 3.90 -8.12
CA GLU C 77 -25.36 2.98 -7.22
C GLU C 77 -26.23 1.77 -6.90
N ARG C 78 -27.51 2.02 -6.61
CA ARG C 78 -28.46 0.93 -6.39
C ARG C 78 -28.42 -0.06 -7.56
N MET C 79 -28.43 0.47 -8.77
CA MET C 79 -28.48 -0.39 -9.94
C MET C 79 -27.18 -1.15 -10.14
N ASN C 80 -26.04 -0.59 -9.75
CA ASN C 80 -24.82 -1.38 -9.80
C ASN C 80 -24.92 -2.60 -8.89
N GLU C 81 -25.48 -2.40 -7.69
CA GLU C 81 -25.63 -3.55 -6.79
C GLU C 81 -26.58 -4.59 -7.40
N GLU C 82 -27.71 -4.11 -7.92
CA GLU C 82 -28.66 -5.00 -8.60
C GLU C 82 -27.98 -5.79 -9.70
N LYS C 83 -27.17 -5.13 -10.52
CA LYS C 83 -26.55 -5.81 -11.66
C LYS C 83 -25.58 -6.88 -11.20
N GLU C 84 -24.84 -6.63 -10.11
CA GLU C 84 -23.93 -7.66 -9.64
C GLU C 84 -24.70 -8.89 -9.17
N GLU C 85 -25.79 -8.67 -8.42
CA GLU C 85 -26.60 -9.80 -7.99
C GLU C 85 -27.18 -10.54 -9.19
N LEU C 86 -27.61 -9.81 -10.23
CA LEU C 86 -28.22 -10.46 -11.38
C LEU C 86 -27.19 -11.30 -12.14
N LYS C 87 -25.96 -10.81 -12.27
CA LYS C 87 -24.95 -11.60 -12.96
C LYS C 87 -24.62 -12.87 -12.17
N LYS C 88 -24.59 -12.77 -10.84
CA LYS C 88 -24.46 -13.99 -10.02
C LYS C 88 -25.57 -14.98 -10.35
N GLN C 89 -26.82 -14.48 -10.37
CA GLN C 89 -27.95 -15.33 -10.73
C GLN C 89 -27.74 -15.96 -12.11
N VAL C 90 -27.27 -15.17 -13.07
CA VAL C 90 -27.09 -15.67 -14.43
C VAL C 90 -26.11 -16.84 -14.44
N GLU C 91 -25.00 -16.68 -13.73
CA GLU C 91 -23.99 -17.73 -13.72
C GLU C 91 -24.54 -19.01 -13.11
N LYS C 92 -25.21 -18.88 -11.96
CA LYS C 92 -25.74 -20.08 -11.32
C LYS C 92 -26.79 -20.75 -12.19
N LEU C 93 -27.62 -19.95 -12.88
CA LEU C 93 -28.65 -20.54 -13.71
C LEU C 93 -28.05 -21.21 -14.96
N GLN C 94 -26.96 -20.67 -15.48
CA GLN C 94 -26.29 -21.33 -16.61
C GLN C 94 -25.77 -22.68 -16.18
N ALA C 95 -25.18 -22.76 -14.99
CA ALA C 95 -24.73 -24.04 -14.47
C ALA C 95 -25.91 -25.00 -14.32
N GLN C 96 -27.03 -24.51 -13.77
CA GLN C 96 -28.19 -25.38 -13.58
C GLN C 96 -28.69 -25.92 -14.91
N VAL C 97 -28.71 -25.06 -15.94
CA VAL C 97 -29.18 -25.47 -17.25
C VAL C 97 -28.28 -26.56 -17.82
N THR C 98 -26.96 -26.35 -17.74
CA THR C 98 -26.02 -27.36 -18.23
C THR C 98 -26.28 -28.72 -17.58
N LEU C 99 -26.33 -28.75 -16.25
CA LEU C 99 -26.44 -30.03 -15.56
C LEU C 99 -27.79 -30.69 -15.85
N SER C 100 -28.87 -29.90 -15.88
CA SER C 100 -30.18 -30.51 -16.08
C SER C 100 -30.32 -31.05 -17.50
N ASN C 101 -29.77 -30.35 -18.49
CA ASN C 101 -29.93 -30.86 -19.84
C ASN C 101 -28.98 -32.01 -20.13
N THR C 102 -27.82 -32.07 -19.47
CA THR C 102 -27.02 -33.29 -19.56
C THR C 102 -27.76 -34.48 -18.93
N GLN C 103 -28.37 -34.25 -17.76
CA GLN C 103 -29.22 -35.27 -17.16
C GLN C 103 -30.28 -35.76 -18.14
N LEU C 104 -30.93 -34.84 -18.86
CA LEU C 104 -31.99 -35.25 -19.77
C LEU C 104 -31.42 -35.94 -21.01
N LYS C 105 -30.21 -35.56 -21.44
CA LYS C 105 -29.57 -36.27 -22.54
C LYS C 105 -29.28 -37.72 -22.16
N ALA C 106 -29.02 -37.98 -20.86
CA ALA C 106 -28.88 -39.36 -20.41
C ALA C 106 -30.10 -40.21 -20.74
N PHE C 107 -31.26 -39.59 -20.90
CA PHE C 107 -32.47 -40.32 -21.24
C PHE C 107 -32.73 -40.30 -22.75
N LYS C 108 -33.29 -39.21 -23.26
CA LYS C 108 -33.63 -39.12 -24.68
C LYS C 108 -32.35 -38.89 -25.48
N ASP C 109 -31.80 -39.96 -26.04
CA ASP C 109 -30.58 -39.90 -26.82
C ASP C 109 -30.51 -41.05 -27.79
N MET D 1 -5.62 7.87 23.97
CA MET D 1 -5.17 9.23 23.68
C MET D 1 -4.30 9.24 22.43
N GLN D 2 -4.21 10.41 21.83
CA GLN D 2 -3.44 10.62 20.60
C GLN D 2 -2.02 11.04 20.94
N ILE D 3 -1.04 10.32 20.39
CA ILE D 3 0.36 10.77 20.44
C ILE D 3 0.94 10.75 19.03
N PHE D 4 2.08 11.40 18.89
CA PHE D 4 2.78 11.49 17.62
C PHE D 4 4.17 10.89 17.75
N VAL D 5 4.63 10.22 16.70
CA VAL D 5 5.95 9.61 16.64
C VAL D 5 6.62 10.18 15.39
N LYS D 6 7.70 10.92 15.56
CA LYS D 6 8.44 11.52 14.46
C LYS D 6 9.79 10.84 14.31
N THR D 7 10.24 10.72 13.08
CA THR D 7 11.53 10.13 12.77
C THR D 7 12.57 11.23 12.59
N LEU D 8 13.80 10.82 12.31
CA LEU D 8 14.84 11.78 11.97
C LEU D 8 14.58 12.40 10.59
N THR D 9 13.84 11.70 9.73
CA THR D 9 13.37 12.26 8.46
C THR D 9 12.42 13.44 8.69
N GLY D 10 11.65 13.42 9.76
CA GLY D 10 10.57 14.35 9.96
C GLY D 10 9.20 13.74 9.75
N LYS D 11 9.13 12.52 9.26
CA LYS D 11 7.86 11.82 9.07
C LYS D 11 7.15 11.63 10.41
N THR D 12 5.84 11.86 10.41
CA THR D 12 5.05 11.83 11.64
C THR D 12 3.97 10.75 11.52
N ILE D 13 4.09 9.75 12.37
CA ILE D 13 3.11 8.69 12.59
C ILE D 13 2.19 9.13 13.73
N THR D 14 0.89 8.90 13.59
CA THR D 14 -0.07 9.19 14.65
C THR D 14 -0.59 7.88 15.26
N LEU D 15 -0.63 7.77 16.59
CA LEU D 15 -0.99 6.52 17.29
C LEU D 15 -2.04 6.79 18.37
N GLU D 16 -2.94 5.82 18.60
CA GLU D 16 -3.93 5.89 19.66
C GLU D 16 -3.48 4.92 20.68
N VAL D 17 -3.33 5.37 21.91
CA VAL D 17 -2.69 4.62 22.98
C VAL D 17 -3.48 4.92 24.23
N GLU D 18 -3.25 4.10 25.22
CA GLU D 18 -3.61 4.28 26.61
C GLU D 18 -2.37 4.60 27.41
N PRO D 19 -2.49 5.38 28.48
CA PRO D 19 -1.34 5.55 29.40
C PRO D 19 -0.82 4.25 29.98
N SER D 20 -1.67 3.25 30.12
CA SER D 20 -1.23 1.95 30.59
C SER D 20 -0.51 1.12 29.52
N ASP D 21 -0.48 1.55 28.25
CA ASP D 21 0.25 0.77 27.26
C ASP D 21 1.73 0.69 27.61
N THR D 22 2.31 -0.48 27.41
CA THR D 22 3.75 -0.61 27.55
C THR D 22 4.44 -0.04 26.32
N ILE D 23 5.76 0.13 26.45
CA ILE D 23 6.58 0.48 25.30
C ILE D 23 6.51 -0.60 24.23
N GLU D 24 6.54 -1.88 24.63
CA GLU D 24 6.35 -2.98 23.67
C GLU D 24 5.05 -2.83 22.89
N ASN D 25 3.95 -2.51 23.57
CA ASN D 25 2.68 -2.31 22.87
C ASN D 25 2.80 -1.22 21.81
N VAL D 26 3.43 -0.09 22.18
CA VAL D 26 3.60 1.02 21.25
C VAL D 26 4.44 0.59 20.05
N LYS D 27 5.52 -0.15 20.30
CA LYS D 27 6.34 -0.61 19.20
C LYS D 27 5.57 -1.57 18.32
N ALA D 28 4.69 -2.37 18.92
CA ALA D 28 3.84 -3.26 18.16
C ALA D 28 2.88 -2.49 17.27
N LYS D 29 2.35 -1.35 17.76
CA LYS D 29 1.53 -0.52 16.89
C LYS D 29 2.35 0.02 15.72
N ILE D 30 3.58 0.49 16.02
CA ILE D 30 4.44 1.00 14.96
C ILE D 30 4.77 -0.11 13.97
N GLN D 31 4.93 -1.33 14.45
CA GLN D 31 5.17 -2.46 13.55
C GLN D 31 3.95 -2.74 12.68
N ASP D 32 2.75 -2.64 13.27
CA ASP D 32 1.50 -2.75 12.51
C ASP D 32 1.47 -1.74 11.38
N LYS D 33 1.94 -0.52 11.63
CA LYS D 33 1.79 0.54 10.66
C LYS D 33 2.91 0.56 9.63
N GLU D 34 4.13 0.20 10.04
CA GLU D 34 5.32 0.38 9.22
C GLU D 34 6.10 -0.90 8.95
N GLY D 35 5.86 -1.97 9.68
CA GLY D 35 6.55 -3.22 9.42
C GLY D 35 7.90 -3.36 10.07
N ILE D 36 8.30 -2.42 10.91
CA ILE D 36 9.60 -2.48 11.57
C ILE D 36 9.50 -3.42 12.78
N PRO D 37 10.33 -4.45 12.88
CA PRO D 37 10.32 -5.27 14.10
C PRO D 37 10.52 -4.41 15.32
N PRO D 38 9.78 -4.64 16.41
CA PRO D 38 9.98 -3.84 17.62
C PRO D 38 11.43 -3.79 18.08
N ASP D 39 12.19 -4.87 17.94
CA ASP D 39 13.60 -4.89 18.33
C ASP D 39 14.47 -3.97 17.47
N GLN D 40 13.92 -3.37 16.43
CA GLN D 40 14.69 -2.49 15.56
C GLN D 40 14.25 -1.04 15.73
N GLN D 41 13.34 -0.80 16.69
CA GLN D 41 12.88 0.54 17.04
C GLN D 41 13.49 0.99 18.36
N ARG D 42 14.04 2.19 18.37
CA ARG D 42 14.38 2.84 19.62
C ARG D 42 13.46 4.05 19.75
N LEU D 43 12.65 4.06 20.80
CA LEU D 43 11.75 5.18 21.06
C LEU D 43 12.39 6.11 22.09
N ILE D 44 12.25 7.41 21.84
CA ILE D 44 12.88 8.46 22.61
C ILE D 44 11.81 9.46 23.01
N PHE D 45 11.84 9.91 24.25
CA PHE D 45 10.95 10.97 24.70
C PHE D 45 11.79 11.94 25.51
N ALA D 46 11.70 13.22 25.19
CA ALA D 46 12.44 14.23 25.93
C ALA D 46 13.92 13.88 26.00
N GLY D 47 14.45 13.32 24.93
CA GLY D 47 15.85 12.94 24.89
C GLY D 47 16.21 11.62 25.54
N LYS D 48 15.28 10.95 26.22
CA LYS D 48 15.59 9.69 26.90
C LYS D 48 14.99 8.49 26.18
N GLN D 49 15.75 7.38 26.17
CA GLN D 49 15.29 6.14 25.57
C GLN D 49 14.18 5.51 26.42
N LEU D 50 13.16 5.00 25.76
CA LEU D 50 12.03 4.37 26.43
C LEU D 50 12.28 2.87 26.54
N GLU D 51 12.15 2.33 27.75
CA GLU D 51 12.57 0.96 27.98
C GLU D 51 11.39 0.02 27.96
N ASP D 52 11.60 -1.18 27.43
CA ASP D 52 10.57 -2.20 27.46
C ASP D 52 10.20 -2.52 28.90
N GLY D 53 8.92 -2.81 29.12
CA GLY D 53 8.44 -3.11 30.44
C GLY D 53 7.93 -1.91 31.21
N ARG D 54 8.22 -0.71 30.75
CA ARG D 54 7.64 0.51 31.28
C ARG D 54 6.42 0.90 30.46
N THR D 55 5.61 1.76 31.03
CA THR D 55 4.43 2.27 30.36
C THR D 55 4.64 3.73 29.95
N LEU D 56 3.74 4.20 29.08
CA LEU D 56 3.76 5.60 28.70
C LEU D 56 3.55 6.51 29.90
N SER D 57 2.68 6.11 30.84
CA SER D 57 2.48 6.94 32.02
C SER D 57 3.76 7.06 32.85
N ASP D 58 4.61 6.03 32.81
CA ASP D 58 5.86 6.08 33.57
C ASP D 58 6.68 7.29 33.17
N TYR D 59 6.65 7.63 31.87
CA TYR D 59 7.38 8.76 31.35
C TYR D 59 6.54 10.04 31.29
N ASN D 60 5.33 10.03 31.88
CA ASN D 60 4.46 11.19 31.91
C ASN D 60 4.11 11.65 30.50
N ILE D 61 3.90 10.69 29.62
CA ILE D 61 3.53 10.98 28.24
C ILE D 61 2.03 11.27 28.20
N GLN D 62 1.68 12.37 27.53
CA GLN D 62 0.33 12.93 27.57
C GLN D 62 -0.29 12.98 26.18
N LYS D 63 -1.57 13.33 26.15
CA LYS D 63 -2.23 13.61 24.89
C LYS D 63 -1.44 14.62 24.08
N GLU D 64 -1.25 14.30 22.80
CA GLU D 64 -0.54 15.13 21.82
C GLU D 64 0.96 15.23 22.09
N SER D 65 1.50 14.51 23.06
CA SER D 65 2.95 14.37 23.21
C SER D 65 3.59 13.88 21.93
N THR D 66 4.85 14.25 21.71
CA THR D 66 5.60 13.84 20.54
C THR D 66 6.81 13.04 20.96
N LEU D 67 6.89 11.79 20.49
CA LEU D 67 8.01 10.88 20.69
C LEU D 67 8.81 10.78 19.40
N HIS D 68 10.03 10.28 19.49
CA HIS D 68 10.87 10.14 18.32
C HIS D 68 11.25 8.68 18.16
N LEU D 69 11.40 8.28 16.90
CA LEU D 69 11.77 6.92 16.54
C LEU D 69 13.13 6.94 15.87
N VAL D 70 14.07 6.16 16.39
CA VAL D 70 15.35 5.97 15.70
C VAL D 70 15.45 4.49 15.34
N LEU D 71 15.56 4.23 14.05
CA LEU D 71 15.72 2.89 13.54
C LEU D 71 17.11 2.37 13.90
N ARG D 72 17.19 1.17 14.45
CA ARG D 72 18.48 0.50 14.58
C ARG D 72 18.93 -0.07 13.23
N LEU D 73 20.22 -0.37 13.12
CA LEU D 73 20.71 -1.02 11.92
C LEU D 73 20.23 -2.45 11.83
N ARG D 74 19.91 -3.08 12.95
CA ARG D 74 19.44 -4.47 12.94
C ARG D 74 18.51 -4.65 14.14
N GLY D 75 17.71 -5.71 14.07
CA GLY D 75 16.94 -6.18 15.21
C GLY D 75 17.56 -7.40 15.87
N GLY D 76 16.70 -8.19 16.52
CA GLY D 76 17.14 -9.38 17.22
C GLY D 76 17.28 -10.64 16.38
N MET D 77 16.58 -10.72 15.25
CA MET D 77 16.44 -11.97 14.52
C MET D 77 16.66 -11.72 13.02
N GLN D 78 17.78 -12.19 12.49
CA GLN D 78 18.02 -12.17 11.05
C GLN D 78 17.77 -13.55 10.49
N ILE D 79 17.25 -13.60 9.28
CA ILE D 79 17.24 -14.83 8.51
C ILE D 79 17.90 -14.58 7.15
N PHE D 80 18.40 -15.66 6.56
CA PHE D 80 19.04 -15.61 5.26
C PHE D 80 18.13 -16.21 4.19
N VAL D 81 18.12 -15.61 3.02
CA VAL D 81 17.38 -16.09 1.87
C VAL D 81 18.36 -16.26 0.72
N LYS D 82 18.52 -17.50 0.25
CA LYS D 82 19.43 -17.84 -0.84
C LYS D 82 18.65 -17.90 -2.15
N THR D 83 19.22 -17.35 -3.21
CA THR D 83 18.58 -17.29 -4.51
C THR D 83 19.24 -18.26 -5.48
N LEU D 84 18.54 -18.52 -6.59
CA LEU D 84 19.08 -19.43 -7.59
C LEU D 84 20.39 -18.91 -8.19
N THR D 85 20.67 -17.61 -8.08
CA THR D 85 21.90 -17.01 -8.59
C THR D 85 23.03 -16.99 -7.58
N GLY D 86 22.85 -17.52 -6.38
CA GLY D 86 23.95 -17.50 -5.44
C GLY D 86 23.97 -16.28 -4.56
N LYS D 87 22.97 -15.42 -4.67
CA LYS D 87 22.89 -14.25 -3.83
C LYS D 87 22.33 -14.66 -2.46
N THR D 88 22.83 -14.02 -1.42
CA THR D 88 22.30 -14.19 -0.07
C THR D 88 21.76 -12.85 0.40
N ILE D 89 20.49 -12.84 0.79
CA ILE D 89 19.83 -11.66 1.32
C ILE D 89 19.61 -11.88 2.81
N THR D 90 19.85 -10.85 3.63
CA THR D 90 19.56 -10.92 5.06
C THR D 90 18.31 -10.10 5.36
N LEU D 91 17.40 -10.68 6.12
CA LEU D 91 16.19 -9.96 6.51
C LEU D 91 16.10 -9.86 8.03
N GLU D 92 15.65 -8.71 8.51
CA GLU D 92 15.27 -8.51 9.91
C GLU D 92 13.80 -8.91 10.06
N VAL D 93 13.53 -9.89 10.91
CA VAL D 93 12.20 -10.45 11.08
C VAL D 93 11.93 -10.59 12.58
N GLU D 94 10.74 -11.11 12.88
CA GLU D 94 10.37 -11.49 14.23
C GLU D 94 9.57 -12.79 14.10
N PRO D 95 9.58 -13.64 15.13
CA PRO D 95 8.91 -14.95 15.00
C PRO D 95 7.46 -14.88 14.58
N SER D 96 6.75 -13.82 14.92
CA SER D 96 5.33 -13.71 14.57
C SER D 96 5.11 -13.19 13.14
N ASP D 97 6.17 -12.80 12.44
CA ASP D 97 6.01 -12.36 11.06
C ASP D 97 5.40 -13.46 10.22
N THR D 98 4.44 -13.08 9.37
CA THR D 98 3.89 -14.05 8.43
C THR D 98 4.80 -14.19 7.22
N ILE D 99 4.55 -15.25 6.45
CA ILE D 99 5.29 -15.44 5.20
C ILE D 99 4.99 -14.30 4.21
N GLU D 100 3.75 -13.83 4.21
CA GLU D 100 3.42 -12.64 3.43
C GLU D 100 4.29 -11.45 3.84
N ASN D 101 4.48 -11.25 5.16
CA ASN D 101 5.37 -10.17 5.62
C ASN D 101 6.78 -10.36 5.08
N VAL D 102 7.25 -11.61 5.04
CA VAL D 102 8.61 -11.86 4.60
C VAL D 102 8.75 -11.53 3.13
N LYS D 103 7.79 -11.97 2.33
CA LYS D 103 7.83 -11.64 0.90
C LYS D 103 7.77 -10.13 0.69
N ALA D 104 7.04 -9.41 1.56
CA ALA D 104 7.02 -7.95 1.43
C ALA D 104 8.40 -7.35 1.75
N LYS D 105 9.08 -7.89 2.77
CA LYS D 105 10.43 -7.44 3.06
C LYS D 105 11.36 -7.71 1.88
N ILE D 106 11.19 -8.87 1.25
CA ILE D 106 11.98 -9.19 0.06
C ILE D 106 11.67 -8.20 -1.07
N GLN D 107 10.40 -7.85 -1.26
CA GLN D 107 10.06 -6.81 -2.25
C GLN D 107 10.73 -5.47 -1.93
N ASP D 108 10.79 -5.10 -0.65
CA ASP D 108 11.48 -3.88 -0.25
C ASP D 108 12.97 -3.96 -0.56
N LYS D 109 13.59 -5.12 -0.32
CA LYS D 109 15.03 -5.16 -0.48
C LYS D 109 15.45 -5.35 -1.94
N GLU D 110 14.72 -6.19 -2.68
CA GLU D 110 15.10 -6.64 -4.02
C GLU D 110 14.15 -6.20 -5.12
N GLY D 111 12.98 -5.66 -4.80
CA GLY D 111 12.04 -5.25 -5.83
C GLY D 111 11.26 -6.36 -6.52
N ILE D 112 11.29 -7.59 -6.01
CA ILE D 112 10.53 -8.70 -6.60
C ILE D 112 9.16 -8.69 -5.95
N PRO D 113 8.06 -8.63 -6.74
CA PRO D 113 6.74 -8.62 -6.15
C PRO D 113 6.45 -9.97 -5.45
N PRO D 114 5.68 -9.94 -4.37
CA PRO D 114 5.41 -11.18 -3.63
C PRO D 114 4.68 -12.24 -4.44
N ASP D 115 3.77 -11.84 -5.31
CA ASP D 115 3.10 -12.84 -6.13
C ASP D 115 4.07 -13.61 -7.04
N GLN D 116 5.31 -13.14 -7.20
CA GLN D 116 6.32 -13.84 -7.97
C GLN D 116 7.26 -14.66 -7.10
N GLN D 117 7.07 -14.70 -5.79
CA GLN D 117 8.02 -15.36 -4.90
C GLN D 117 7.46 -16.68 -4.41
N ARG D 118 8.33 -17.68 -4.39
CA ARG D 118 8.04 -18.96 -3.74
C ARG D 118 9.18 -19.19 -2.76
N LEU D 119 8.84 -19.28 -1.49
CA LEU D 119 9.82 -19.51 -0.44
C LEU D 119 9.75 -20.97 -0.01
N ILE D 120 10.92 -21.60 0.08
CA ILE D 120 11.05 -22.98 0.55
C ILE D 120 11.90 -22.99 1.80
N PHE D 121 11.44 -23.67 2.85
CA PHE D 121 12.25 -23.93 4.03
C PHE D 121 12.10 -25.41 4.37
N ALA D 122 13.23 -26.10 4.56
CA ALA D 122 13.23 -27.51 4.92
C ALA D 122 12.34 -28.34 3.99
N GLY D 123 12.43 -28.06 2.69
CA GLY D 123 11.66 -28.81 1.74
C GLY D 123 10.17 -28.59 1.79
N LYS D 124 9.74 -27.48 2.37
CA LYS D 124 8.33 -27.12 2.43
C LYS D 124 8.14 -25.77 1.78
N GLN D 125 7.11 -25.68 0.94
CA GLN D 125 6.60 -24.42 0.47
C GLN D 125 5.91 -23.70 1.62
N LEU D 126 6.20 -22.41 1.78
CA LEU D 126 5.67 -21.66 2.91
C LEU D 126 4.42 -20.91 2.49
N GLU D 127 3.34 -21.12 3.24
CA GLU D 127 2.08 -20.48 2.92
C GLU D 127 2.02 -19.08 3.52
N ASP D 128 1.46 -18.16 2.73
CA ASP D 128 1.54 -16.73 3.06
C ASP D 128 0.92 -16.42 4.42
N GLY D 129 -0.07 -17.21 4.84
CA GLY D 129 -0.76 -16.90 6.07
C GLY D 129 -0.14 -17.46 7.33
N ARG D 130 0.84 -18.36 7.21
CA ARG D 130 1.49 -18.90 8.40
C ARG D 130 2.64 -18.00 8.83
N THR D 131 3.19 -18.28 10.01
CA THR D 131 4.29 -17.50 10.55
C THR D 131 5.58 -18.30 10.52
N LEU D 132 6.68 -17.58 10.77
CA LEU D 132 8.00 -18.21 10.87
C LEU D 132 8.02 -19.22 12.00
N SER D 133 7.48 -18.85 13.17
CA SER D 133 7.46 -19.77 14.29
C SER D 133 6.64 -21.02 13.97
N ASP D 134 5.58 -20.90 13.16
CA ASP D 134 4.87 -22.10 12.75
C ASP D 134 5.80 -23.09 12.04
N TYR D 135 6.71 -22.58 11.21
CA TYR D 135 7.62 -23.44 10.48
C TYR D 135 8.91 -23.71 11.23
N ASN D 136 8.98 -23.32 12.51
CA ASN D 136 10.19 -23.48 13.32
C ASN D 136 11.39 -22.79 12.67
N ILE D 137 11.17 -21.66 12.00
CA ILE D 137 12.27 -20.92 11.41
C ILE D 137 12.96 -20.13 12.52
N GLN D 138 14.23 -20.42 12.74
CA GLN D 138 15.00 -19.81 13.82
C GLN D 138 15.89 -18.69 13.28
N LYS D 139 16.50 -17.95 14.22
CA LYS D 139 17.52 -16.98 13.86
C LYS D 139 18.62 -17.64 13.04
N GLU D 140 18.93 -17.06 11.88
CA GLU D 140 19.95 -17.53 10.94
C GLU D 140 19.55 -18.80 10.21
N SER D 141 18.30 -19.23 10.29
CA SER D 141 17.81 -20.20 9.31
C SER D 141 18.01 -19.64 7.90
N THR D 142 18.01 -20.55 6.93
CA THR D 142 18.21 -20.20 5.53
C THR D 142 17.01 -20.67 4.71
N LEU D 143 16.22 -19.72 4.21
CA LEU D 143 15.15 -20.00 3.25
C LEU D 143 15.71 -19.96 1.83
N HIS D 144 14.94 -20.52 0.90
CA HIS D 144 15.33 -20.56 -0.50
C HIS D 144 14.25 -19.90 -1.34
N LEU D 145 14.67 -19.02 -2.25
CA LEU D 145 13.76 -18.24 -3.08
C LEU D 145 13.81 -18.73 -4.51
N VAL D 146 12.63 -19.04 -5.05
CA VAL D 146 12.45 -19.36 -6.46
C VAL D 146 11.38 -18.43 -7.01
N LEU D 147 11.56 -17.97 -8.24
CA LEU D 147 10.55 -17.12 -8.85
C LEU D 147 9.54 -17.99 -9.60
N ARG D 148 8.26 -17.75 -9.32
CA ARG D 148 7.14 -18.43 -9.97
C ARG D 148 6.47 -17.46 -10.92
N LEU D 149 5.93 -18.01 -12.01
CA LEU D 149 5.37 -17.18 -13.07
C LEU D 149 3.94 -16.76 -12.75
N ARG D 150 3.02 -17.73 -12.76
CA ARG D 150 1.59 -17.43 -12.79
C ARG D 150 1.09 -16.67 -11.57
N GLY D 151 1.91 -16.52 -10.53
CA GLY D 151 1.51 -15.73 -9.38
C GLY D 151 0.67 -16.46 -8.34
N GLY D 152 -0.63 -16.60 -8.62
CA GLY D 152 -1.54 -17.28 -7.71
C GLY D 152 -2.99 -16.92 -7.91
N LEU E 45 19.21 29.28 8.91
CA LEU E 45 17.79 29.61 9.01
C LEU E 45 17.10 28.80 10.09
N LEU E 46 17.82 27.85 10.68
CA LEU E 46 17.18 26.81 11.49
C LEU E 46 17.23 27.12 12.98
N ARG E 47 16.19 26.66 13.68
CA ARG E 47 15.88 27.09 15.03
C ARG E 47 16.68 26.30 16.05
N LYS E 48 16.55 26.70 17.31
CA LYS E 48 17.36 26.17 18.41
C LYS E 48 16.74 24.94 19.06
N GLN E 49 15.41 24.89 19.21
CA GLN E 49 14.74 23.65 19.63
C GLN E 49 15.02 22.53 18.65
N GLU E 50 15.08 22.85 17.36
CA GLU E 50 15.37 21.83 16.37
C GLU E 50 16.79 21.30 16.56
N LEU E 51 17.74 22.20 16.81
CA LEU E 51 19.14 21.79 16.98
C LEU E 51 19.30 20.91 18.22
N VAL E 52 18.64 21.26 19.32
CA VAL E 52 18.73 20.49 20.55
C VAL E 52 18.06 19.12 20.38
N THR E 53 16.89 19.10 19.74
CA THR E 53 16.23 17.82 19.43
C THR E 53 17.13 16.95 18.59
N GLN E 54 17.73 17.54 17.54
CA GLN E 54 18.60 16.79 16.66
C GLN E 54 19.79 16.25 17.44
N ASN E 55 20.37 17.06 18.31
CA ASN E 55 21.52 16.64 19.12
C ASN E 55 21.18 15.43 20.00
N GLU E 56 20.05 15.51 20.73
CA GLU E 56 19.60 14.38 21.54
C GLU E 56 19.44 13.13 20.70
N LEU E 57 18.78 13.25 19.55
CA LEU E 57 18.53 12.07 18.72
C LEU E 57 19.82 11.50 18.18
N LEU E 58 20.73 12.36 17.73
CA LEU E 58 22.00 11.89 17.18
C LEU E 58 22.83 11.18 18.22
N LYS E 59 22.86 11.70 19.46
CA LYS E 59 23.52 10.96 20.55
C LYS E 59 22.94 9.57 20.73
N GLN E 60 21.60 9.47 20.71
CA GLN E 60 21.00 8.13 20.78
C GLN E 60 21.42 7.28 19.58
N GLN E 61 21.42 7.86 18.40
CA GLN E 61 21.74 7.11 17.20
C GLN E 61 23.17 6.58 17.25
N VAL E 62 24.12 7.38 17.72
CA VAL E 62 25.49 6.88 17.80
C VAL E 62 25.54 5.71 18.77
N LYS E 63 24.90 5.85 19.94
CA LYS E 63 24.87 4.72 20.89
C LYS E 63 24.31 3.45 20.23
N ILE E 64 23.16 3.58 19.59
CA ILE E 64 22.46 2.45 19.01
C ILE E 64 23.30 1.80 17.91
N PHE E 65 23.90 2.61 17.04
CA PHE E 65 24.65 2.07 15.91
C PHE E 65 25.91 1.39 16.40
N GLU E 66 26.56 1.95 17.43
CA GLU E 66 27.73 1.29 17.99
C GLU E 66 27.36 -0.08 18.54
N GLU E 67 26.26 -0.15 19.29
CA GLU E 67 25.86 -1.46 19.83
C GLU E 67 25.50 -2.43 18.70
N ASP E 68 24.79 -1.96 17.67
CA ASP E 68 24.43 -2.85 16.57
C ASP E 68 25.67 -3.39 15.87
N PHE E 69 26.67 -2.54 15.68
CA PHE E 69 27.92 -2.98 15.12
C PHE E 69 28.53 -4.08 15.98
N GLN E 70 28.53 -3.88 17.30
CA GLN E 70 29.09 -4.92 18.16
C GLN E 70 28.28 -6.20 18.10
N ARG E 71 26.96 -6.10 18.07
CA ARG E 71 26.11 -7.30 18.00
C ARG E 71 26.35 -8.07 16.71
N GLU E 72 26.47 -7.35 15.58
CA GLU E 72 26.74 -8.01 14.32
C GLU E 72 28.11 -8.66 14.34
N ARG E 73 29.09 -8.00 14.93
CA ARG E 73 30.42 -8.56 15.09
C ARG E 73 30.39 -9.84 15.93
N SER E 74 29.69 -9.80 17.06
CA SER E 74 29.55 -10.96 17.95
C SER E 74 28.90 -12.14 17.22
N ASP E 75 27.85 -11.85 16.45
CA ASP E 75 27.21 -12.87 15.64
C ASP E 75 28.16 -13.46 14.61
N ARG E 76 28.91 -12.62 13.93
CA ARG E 76 29.83 -13.14 12.92
C ARG E 76 30.90 -14.01 13.55
N GLU E 77 31.39 -13.61 14.73
CA GLU E 77 32.40 -14.41 15.41
C GLU E 77 31.82 -15.77 15.82
N ARG E 78 30.59 -15.79 16.33
CA ARG E 78 29.97 -17.07 16.65
C ARG E 78 29.79 -17.94 15.39
N MET E 79 29.42 -17.33 14.26
CA MET E 79 29.22 -18.14 13.07
C MET E 79 30.53 -18.70 12.56
N ASN E 80 31.62 -17.98 12.79
CA ASN E 80 32.91 -18.52 12.44
C ASN E 80 33.25 -19.74 13.30
N GLU E 81 32.95 -19.66 14.60
CA GLU E 81 33.12 -20.83 15.47
C GLU E 81 32.31 -22.02 14.95
N GLU E 82 31.06 -21.77 14.56
CA GLU E 82 30.20 -22.85 14.07
C GLU E 82 30.76 -23.46 12.78
N LYS E 83 31.30 -22.62 11.91
CA LYS E 83 31.97 -23.11 10.71
C LYS E 83 33.11 -24.07 11.08
N GLU E 84 33.96 -23.67 12.03
CA GLU E 84 35.07 -24.53 12.42
C GLU E 84 34.57 -25.85 12.99
N GLU E 85 33.50 -25.79 13.79
CA GLU E 85 32.95 -27.02 14.35
C GLU E 85 32.44 -27.94 13.24
N LEU E 86 31.84 -27.37 12.19
CA LEU E 86 31.38 -28.18 11.07
C LEU E 86 32.54 -28.81 10.33
N LYS E 87 33.63 -28.06 10.16
CA LYS E 87 34.80 -28.66 9.51
C LYS E 87 35.32 -29.85 10.32
N LYS E 88 35.41 -29.71 11.65
CA LYS E 88 35.77 -30.85 12.49
C LYS E 88 34.83 -32.02 12.27
N GLN E 89 33.53 -31.74 12.18
CA GLN E 89 32.55 -32.81 11.96
C GLN E 89 32.78 -33.51 10.62
N VAL E 90 33.16 -32.74 9.59
CA VAL E 90 33.52 -33.32 8.31
C VAL E 90 34.72 -34.26 8.47
N GLU E 91 35.73 -33.79 9.19
CA GLU E 91 36.90 -34.61 9.50
C GLU E 91 36.48 -35.95 10.08
N LYS E 92 35.65 -35.90 11.12
CA LYS E 92 35.25 -37.11 11.81
C LYS E 92 34.44 -38.03 10.88
N LEU E 93 33.53 -37.45 10.11
CA LEU E 93 32.70 -38.27 9.23
C LEU E 93 33.54 -38.97 8.18
N GLN E 94 34.52 -38.28 7.60
CA GLN E 94 35.33 -38.94 6.58
C GLN E 94 36.20 -40.04 7.18
N ALA E 95 36.74 -39.80 8.38
CA ALA E 95 37.50 -40.86 9.04
C ALA E 95 36.61 -42.07 9.29
N GLN E 96 35.39 -41.84 9.78
CA GLN E 96 34.46 -42.95 10.01
C GLN E 96 34.14 -43.67 8.73
N VAL E 97 33.95 -42.93 7.63
CA VAL E 97 33.65 -43.54 6.33
C VAL E 97 34.77 -44.47 5.91
N THR E 98 36.03 -44.04 6.06
CA THR E 98 37.11 -44.89 5.57
C THR E 98 37.32 -46.10 6.49
N LEU E 99 37.22 -45.93 7.82
CA LEU E 99 37.27 -47.10 8.71
C LEU E 99 36.17 -48.09 8.36
N SER E 100 34.95 -47.58 8.13
CA SER E 100 33.82 -48.45 7.84
C SER E 100 34.01 -49.16 6.50
N ASN E 101 34.45 -48.44 5.48
CA ASN E 101 34.67 -49.08 4.19
C ASN E 101 35.81 -50.08 4.25
N THR E 102 36.82 -49.84 5.08
CA THR E 102 37.92 -50.79 5.16
C THR E 102 37.46 -52.08 5.82
N GLN E 103 36.73 -51.99 6.93
CA GLN E 103 36.23 -53.23 7.54
C GLN E 103 35.24 -53.91 6.60
N LEU E 104 34.48 -53.13 5.84
CA LEU E 104 33.55 -53.71 4.86
C LEU E 104 34.30 -54.50 3.81
N LYS E 105 35.34 -53.92 3.21
CA LYS E 105 36.06 -54.62 2.15
C LYS E 105 36.89 -55.77 2.67
N ALA E 106 37.37 -55.69 3.92
CA ALA E 106 38.02 -56.84 4.53
C ALA E 106 37.05 -57.99 4.75
N PHE E 107 35.84 -57.68 5.24
CA PHE E 107 34.82 -58.68 5.48
C PHE E 107 34.19 -59.22 4.20
N LYS E 108 34.24 -58.46 3.12
CA LYS E 108 33.68 -58.87 1.85
C LYS E 108 34.72 -59.53 0.95
N ASP E 109 36.00 -59.26 1.16
CA ASP E 109 37.03 -60.12 0.56
C ASP E 109 38.15 -60.47 1.56
N ALA F 42 22.94 37.50 25.69
CA ALA F 42 23.58 36.20 25.73
C ALA F 42 24.08 35.79 24.35
N GLY F 43 24.86 34.71 24.29
CA GLY F 43 25.43 34.23 23.04
C GLY F 43 24.55 33.21 22.35
N ALA F 44 23.60 33.68 21.56
CA ALA F 44 22.66 32.78 20.90
C ALA F 44 23.34 31.96 19.81
N LEU F 45 23.96 32.62 18.84
CA LEU F 45 24.55 31.84 17.76
C LEU F 45 25.82 31.13 18.23
N LEU F 46 26.40 31.54 19.37
CA LEU F 46 27.48 30.73 19.92
C LEU F 46 26.95 29.35 20.33
N ARG F 47 25.81 29.34 21.04
CA ARG F 47 25.18 28.07 21.38
C ARG F 47 24.80 27.30 20.13
N LYS F 48 24.24 28.00 19.13
CA LYS F 48 23.87 27.29 17.90
C LYS F 48 25.10 26.72 17.20
N GLN F 49 26.24 27.42 17.28
CA GLN F 49 27.44 26.92 16.62
C GLN F 49 27.97 25.70 17.34
N GLU F 50 27.90 25.72 18.66
CA GLU F 50 28.30 24.56 19.43
C GLU F 50 27.44 23.35 19.08
N LEU F 51 26.12 23.53 19.06
CA LEU F 51 25.23 22.44 18.70
C LEU F 51 25.50 21.95 17.28
N VAL F 52 25.74 22.86 16.34
CA VAL F 52 26.00 22.49 14.95
C VAL F 52 27.29 21.69 14.82
N THR F 53 28.35 22.17 15.47
CA THR F 53 29.59 21.42 15.50
C THR F 53 29.37 20.02 16.03
N GLN F 54 28.70 19.91 17.19
CA GLN F 54 28.54 18.59 17.79
C GLN F 54 27.68 17.71 16.90
N ASN F 55 26.66 18.29 16.27
CA ASN F 55 25.78 17.49 15.41
C ASN F 55 26.55 16.95 14.22
N GLU F 56 27.46 17.74 13.66
CA GLU F 56 28.22 17.22 12.52
C GLU F 56 29.18 16.12 12.97
N LEU F 57 29.82 16.32 14.13
CA LEU F 57 30.67 15.27 14.69
C LEU F 57 29.91 13.95 14.82
N LEU F 58 28.68 14.05 15.37
CA LEU F 58 27.86 12.88 15.62
C LEU F 58 27.39 12.23 14.34
N LYS F 59 27.04 13.04 13.33
CA LYS F 59 26.69 12.47 12.03
C LYS F 59 27.84 11.68 11.43
N GLN F 60 29.06 12.21 11.53
CA GLN F 60 30.23 11.47 11.05
C GLN F 60 30.38 10.14 11.78
N GLN F 61 30.23 10.17 13.11
CA GLN F 61 30.31 8.91 13.86
C GLN F 61 29.26 7.90 13.37
N VAL F 62 28.04 8.38 13.10
CA VAL F 62 26.97 7.50 12.63
C VAL F 62 27.33 6.86 11.29
N LYS F 63 27.85 7.65 10.36
CA LYS F 63 28.27 7.12 9.06
C LYS F 63 29.32 6.02 9.22
N ILE F 64 30.31 6.26 10.07
CA ILE F 64 31.40 5.31 10.22
C ILE F 64 30.90 4.00 10.82
N PHE F 65 30.05 4.09 11.85
CA PHE F 65 29.50 2.87 12.43
C PHE F 65 28.62 2.12 11.43
N GLU F 66 27.84 2.84 10.63
CA GLU F 66 27.03 2.18 9.63
C GLU F 66 27.89 1.42 8.62
N GLU F 67 29.02 2.02 8.20
CA GLU F 67 29.85 1.30 7.23
C GLU F 67 30.55 0.09 7.86
N ASP F 68 31.03 0.22 9.11
CA ASP F 68 31.60 -0.93 9.79
C ASP F 68 30.57 -2.04 9.95
N PHE F 69 29.34 -1.66 10.31
CA PHE F 69 28.26 -2.64 10.40
C PHE F 69 28.03 -3.34 9.06
N GLN F 70 27.96 -2.57 7.98
CA GLN F 70 27.68 -3.16 6.67
C GLN F 70 28.77 -4.18 6.29
N ARG F 71 30.05 -3.88 6.59
CA ARG F 71 31.11 -4.88 6.36
C ARG F 71 30.90 -6.13 7.22
N GLU F 72 30.61 -5.96 8.51
CA GLU F 72 30.41 -7.15 9.35
C GLU F 72 29.27 -8.00 8.82
N ARG F 73 28.22 -7.35 8.30
CA ARG F 73 27.04 -8.06 7.81
C ARG F 73 27.36 -8.81 6.50
N SER F 74 28.18 -8.21 5.64
CA SER F 74 28.63 -8.91 4.43
C SER F 74 29.47 -10.13 4.79
N ASP F 75 30.40 -9.98 5.75
CA ASP F 75 31.19 -11.12 6.19
C ASP F 75 30.28 -12.20 6.77
N ARG F 76 29.23 -11.78 7.48
CA ARG F 76 28.28 -12.72 8.06
C ARG F 76 27.58 -13.54 6.98
N GLU F 77 27.18 -12.88 5.89
CA GLU F 77 26.55 -13.56 4.76
C GLU F 77 27.49 -14.58 4.11
N ARG F 78 28.77 -14.20 3.92
CA ARG F 78 29.70 -15.17 3.34
C ARG F 78 29.95 -16.33 4.30
N MET F 79 30.00 -16.04 5.59
CA MET F 79 30.12 -17.10 6.59
C MET F 79 28.98 -18.08 6.47
N ASN F 80 27.74 -17.58 6.29
CA ASN F 80 26.61 -18.48 6.16
C ASN F 80 26.70 -19.32 4.88
N GLU F 81 27.25 -18.76 3.80
CA GLU F 81 27.40 -19.58 2.59
C GLU F 81 28.40 -20.72 2.83
N GLU F 82 29.50 -20.43 3.53
CA GLU F 82 30.45 -21.48 3.86
C GLU F 82 29.80 -22.53 4.75
N LYS F 83 29.06 -22.09 5.78
CA LYS F 83 28.37 -23.02 6.65
C LYS F 83 27.43 -23.93 5.85
N GLU F 84 26.71 -23.38 4.88
CA GLU F 84 25.78 -24.19 4.10
C GLU F 84 26.51 -25.26 3.30
N GLU F 85 27.67 -24.92 2.72
CA GLU F 85 28.40 -25.95 1.98
C GLU F 85 28.94 -27.02 2.92
N LEU F 86 29.40 -26.63 4.12
CA LEU F 86 29.83 -27.64 5.08
C LEU F 86 28.67 -28.54 5.50
N LYS F 87 27.47 -27.97 5.70
CA LYS F 87 26.33 -28.80 6.05
C LYS F 87 26.02 -29.80 4.93
N LYS F 88 26.14 -29.37 3.68
CA LYS F 88 25.90 -30.29 2.56
C LYS F 88 26.91 -31.44 2.58
N GLN F 89 28.20 -31.12 2.79
CA GLN F 89 29.20 -32.17 2.86
C GLN F 89 28.97 -33.09 4.05
N VAL F 90 28.57 -32.53 5.20
CA VAL F 90 28.26 -33.36 6.37
C VAL F 90 27.11 -34.32 6.07
N GLU F 91 26.11 -33.84 5.35
CA GLU F 91 24.98 -34.72 5.02
C GLU F 91 25.42 -35.84 4.09
N LYS F 92 26.21 -35.51 3.06
CA LYS F 92 26.66 -36.57 2.15
C LYS F 92 27.46 -37.63 2.91
N LEU F 93 28.32 -37.20 3.82
CA LEU F 93 29.13 -38.15 4.57
C LEU F 93 28.29 -38.97 5.54
N GLN F 94 27.27 -38.36 6.15
CA GLN F 94 26.38 -39.12 7.01
C GLN F 94 25.65 -40.20 6.21
N ALA F 95 25.23 -39.86 4.99
CA ALA F 95 24.62 -40.87 4.13
C ALA F 95 25.59 -42.02 3.86
N GLN F 96 26.86 -41.70 3.56
CA GLN F 96 27.83 -42.77 3.32
C GLN F 96 28.04 -43.63 4.57
N VAL F 97 28.04 -42.99 5.75
CA VAL F 97 28.25 -43.75 6.99
C VAL F 97 27.11 -44.74 7.21
N THR F 98 25.87 -44.29 7.04
CA THR F 98 24.75 -45.19 7.23
C THR F 98 24.72 -46.29 6.16
N LEU F 99 25.02 -45.95 4.91
CA LEU F 99 25.06 -46.98 3.87
C LEU F 99 26.07 -48.06 4.22
N SER F 100 27.26 -47.66 4.69
CA SER F 100 28.28 -48.65 5.01
C SER F 100 27.91 -49.45 6.25
N ASN F 101 27.24 -48.83 7.22
CA ASN F 101 26.86 -49.59 8.41
C ASN F 101 25.77 -50.61 8.09
N THR F 102 24.82 -50.25 7.22
CA THR F 102 23.80 -51.22 6.81
C THR F 102 24.39 -52.34 5.99
N GLN F 103 25.33 -52.03 5.09
CA GLN F 103 26.01 -53.09 4.35
C GLN F 103 26.82 -53.98 5.29
N LEU F 104 27.36 -53.40 6.37
CA LEU F 104 28.18 -54.15 7.29
C LEU F 104 27.34 -55.14 8.10
N LYS F 105 26.35 -54.63 8.84
CA LYS F 105 25.65 -55.52 9.77
C LYS F 105 24.82 -56.58 9.06
N ALA F 106 24.58 -56.43 7.76
CA ALA F 106 23.94 -57.50 6.99
C ALA F 106 24.93 -58.55 6.51
N PHE F 107 26.17 -58.16 6.21
CA PHE F 107 27.18 -59.10 5.77
C PHE F 107 28.16 -59.42 6.91
C1 GOL G . 15.64 -16.24 -7.39
O1 GOL G . 15.95 -17.57 -7.03
C2 GOL G . 16.94 -15.74 -8.07
O2 GOL G . 17.26 -14.40 -7.79
C3 GOL G . 16.74 -16.08 -9.55
O3 GOL G . 15.83 -17.14 -9.59
#